data_4B9C
#
_entry.id   4B9C
#
_cell.length_a   39.184
_cell.length_b   39.184
_cell.length_c   94.835
_cell.angle_alpha   90.00
_cell.angle_beta   90.00
_cell.angle_gamma   90.00
#
_symmetry.space_group_name_H-M   'P 41'
#
loop_
_entity.id
_entity.type
_entity.pdbx_description
1 polymer 'TYPE 3A CELLULOSE-BINDING DOMAIN PROTEIN'
2 non-polymer 'CALCIUM ION'
3 water water
#
_entity_poly.entity_id   1
_entity_poly.type   'polypeptide(L)'
_entity_poly.pdbx_seq_one_letter_code
;GSHMGLKIQYYSRKPHDSAGIDFSFRMFNTGNEAIDLKDVKVRYYFKEDVSIDEMNWAVYFYSLGSEKDVQCRFYELPGK
KEANKYLEITFKSGTLSPNDVMYITGEFYKNDWTKFEQRDDYSYNPADSYSDWKRMTAYISNKLVWGIEP
;
_entity_poly.pdbx_strand_id   A
#
# COMPACT_ATOMS: atom_id res chain seq x y z
N GLY A 1 11.51 10.96 -23.88
CA GLY A 1 11.10 9.74 -23.23
C GLY A 1 12.06 9.40 -22.10
N SER A 2 11.89 10.07 -20.96
CA SER A 2 12.94 10.13 -19.96
C SER A 2 12.46 10.29 -18.52
N HIS A 3 11.38 9.62 -18.13
CA HIS A 3 10.98 9.64 -16.72
C HIS A 3 10.15 8.44 -16.28
N MET A 4 10.32 8.06 -15.02
CA MET A 4 9.49 7.02 -14.45
C MET A 4 8.32 7.63 -13.70
N GLY A 5 7.21 6.90 -13.66
CA GLY A 5 6.03 7.36 -12.96
C GLY A 5 5.16 6.20 -12.54
N LEU A 6 4.48 6.35 -11.42
CA LEU A 6 3.54 5.34 -10.92
C LEU A 6 2.27 6.03 -10.47
N LYS A 7 1.16 5.31 -10.49
CA LYS A 7 -0.10 5.80 -9.96
C LYS A 7 -0.78 4.62 -9.26
N ILE A 8 -1.34 4.86 -8.07
CA ILE A 8 -2.04 3.83 -7.32
C ILE A 8 -3.53 4.06 -7.37
N GLN A 9 -4.29 2.98 -7.59
CA GLN A 9 -5.74 3.00 -7.40
C GLN A 9 -6.10 1.89 -6.41
N TYR A 10 -7.05 2.14 -5.54
CA TYR A 10 -7.41 1.15 -4.53
C TYR A 10 -8.77 1.52 -3.98
N TYR A 11 -9.46 0.54 -3.45
CA TYR A 11 -10.67 0.76 -2.68
C TYR A 11 -10.83 -0.39 -1.71
N SER A 12 -11.56 -0.15 -0.63
CA SER A 12 -11.87 -1.20 0.33
C SER A 12 -13.36 -1.31 0.49
N ARG A 13 -13.85 -2.55 0.45
CA ARG A 13 -15.24 -2.85 0.70
C ARG A 13 -15.48 -3.24 2.17
N LYS A 14 -14.44 -3.18 3.01
CA LYS A 14 -14.63 -3.43 4.43
C LYS A 14 -15.42 -2.30 5.11
N PRO A 15 -16.28 -2.65 6.06
CA PRO A 15 -16.96 -1.64 6.86
C PRO A 15 -15.94 -0.90 7.74
N HIS A 16 -16.36 0.23 8.31
CA HIS A 16 -15.40 1.12 8.94
C HIS A 16 -14.81 0.50 10.20
N ASP A 17 -15.55 -0.39 10.85
CA ASP A 17 -15.00 -1.22 11.92
C ASP A 17 -14.79 -2.60 11.34
N SER A 18 -13.57 -3.10 11.41
CA SER A 18 -13.21 -4.34 10.73
C SER A 18 -12.06 -5.03 11.42
N ALA A 19 -12.10 -6.36 11.51
CA ALA A 19 -10.98 -7.09 12.06
C ALA A 19 -9.77 -7.01 11.13
N GLY A 20 -10.03 -7.02 9.83
CA GLY A 20 -8.97 -6.95 8.84
C GLY A 20 -9.01 -5.64 8.06
N ILE A 21 -7.83 -5.06 7.82
CA ILE A 21 -7.71 -3.92 6.91
C ILE A 21 -7.19 -4.43 5.57
N ASP A 22 -7.97 -4.15 4.52
CA ASP A 22 -7.63 -4.59 3.17
C ASP A 22 -6.70 -3.57 2.53
N PHE A 23 -5.49 -3.96 2.14
CA PHE A 23 -4.60 -3.04 1.46
C PHE A 23 -4.34 -3.46 0.00
N SER A 24 -5.21 -4.34 -0.53
CA SER A 24 -5.13 -4.71 -1.94
C SER A 24 -5.16 -3.45 -2.80
N PHE A 25 -4.28 -3.37 -3.80
CA PHE A 25 -4.26 -2.20 -4.66
C PHE A 25 -3.78 -2.59 -6.04
N ARG A 26 -3.95 -1.68 -6.99
CA ARG A 26 -3.34 -1.80 -8.30
C ARG A 26 -2.50 -0.58 -8.57
N MET A 27 -1.52 -0.75 -9.44
CA MET A 27 -0.57 0.32 -9.71
C MET A 27 -0.17 0.31 -11.18
N PHE A 28 -0.17 1.48 -11.79
CA PHE A 28 0.12 1.63 -13.20
C PHE A 28 1.47 2.28 -13.39
N ASN A 29 2.21 1.84 -14.41
CA ASN A 29 3.39 2.56 -14.82
C ASN A 29 2.94 3.70 -15.75
N THR A 30 3.08 4.94 -15.29
CA THR A 30 2.57 6.09 -16.03
C THR A 30 3.69 6.84 -16.73
N GLY A 31 4.93 6.41 -16.54
CA GLY A 31 6.04 7.06 -17.21
C GLY A 31 6.32 6.41 -18.55
N ASN A 32 7.51 6.62 -19.06
CA ASN A 32 7.88 6.06 -20.36
C ASN A 32 9.10 5.16 -20.30
N GLU A 33 9.39 4.65 -19.10
CA GLU A 33 10.50 3.73 -18.87
C GLU A 33 10.04 2.56 -18.01
N ALA A 34 10.52 1.35 -18.32
CA ALA A 34 10.16 0.18 -17.54
C ALA A 34 10.69 0.33 -16.13
N ILE A 35 9.96 -0.23 -15.18
CA ILE A 35 10.28 -0.08 -13.77
C ILE A 35 10.53 -1.46 -13.15
N ASP A 36 11.67 -1.57 -12.48
CA ASP A 36 12.02 -2.72 -11.66
C ASP A 36 11.34 -2.57 -10.30
N LEU A 37 10.39 -3.45 -9.98
CA LEU A 37 9.66 -3.35 -8.70
C LEU A 37 10.56 -3.49 -7.48
N LYS A 38 11.75 -4.06 -7.64
CA LYS A 38 12.70 -4.11 -6.52
C LYS A 38 13.04 -2.72 -5.99
N ASP A 39 12.88 -1.71 -6.84
CA ASP A 39 13.19 -0.34 -6.46
C ASP A 39 11.98 0.43 -5.95
N VAL A 40 10.84 -0.25 -5.86
CA VAL A 40 9.59 0.42 -5.54
C VAL A 40 9.09 0.08 -4.14
N LYS A 41 8.55 1.07 -3.44
N LYS A 41 8.56 1.07 -3.44
CA LYS A 41 7.84 0.78 -2.22
CA LYS A 41 7.87 0.81 -2.19
C LYS A 41 6.54 1.55 -2.23
C LYS A 41 6.61 1.67 -2.05
N VAL A 42 5.60 1.08 -1.42
CA VAL A 42 4.29 1.70 -1.32
C VAL A 42 3.92 1.76 0.15
N ARG A 43 3.24 2.83 0.57
CA ARG A 43 2.84 2.95 1.97
C ARG A 43 1.34 3.13 2.13
N TYR A 44 0.79 2.42 3.13
CA TYR A 44 -0.59 2.57 3.54
C TYR A 44 -0.56 3.12 4.97
N TYR A 45 -1.13 4.31 5.16
CA TYR A 45 -1.06 5.01 6.43
C TYR A 45 -2.34 4.89 7.25
N PHE A 46 -2.16 4.78 8.57
CA PHE A 46 -3.32 4.60 9.44
C PHE A 46 -3.02 5.08 10.84
N LYS A 47 -4.03 4.99 11.70
CA LYS A 47 -3.88 5.35 13.09
C LYS A 47 -4.21 4.16 13.96
N GLU A 48 -3.29 3.83 14.87
CA GLU A 48 -3.48 2.76 15.83
C GLU A 48 -2.63 2.99 17.07
N ASP A 49 -3.16 2.64 18.23
CA ASP A 49 -2.44 2.76 19.50
C ASP A 49 -1.58 1.54 19.77
N VAL A 50 -1.86 0.42 19.10
CA VAL A 50 -1.09 -0.79 19.35
C VAL A 50 0.33 -0.66 18.81
N SER A 51 1.25 -1.48 19.31
CA SER A 51 2.61 -1.40 18.82
C SER A 51 2.69 -2.14 17.48
N ILE A 52 3.71 -1.80 16.70
CA ILE A 52 3.86 -2.41 15.39
C ILE A 52 4.04 -3.92 15.51
N ASP A 53 4.57 -4.39 16.63
CA ASP A 53 4.76 -5.81 16.84
C ASP A 53 3.47 -6.52 17.33
N GLU A 54 2.36 -5.77 17.41
CA GLU A 54 1.07 -6.33 17.83
C GLU A 54 0.11 -6.48 16.65
N MET A 55 0.64 -6.37 15.43
CA MET A 55 -0.14 -6.58 14.21
C MET A 55 0.55 -7.58 13.30
N ASN A 56 -0.22 -8.19 12.40
CA ASN A 56 0.33 -9.13 11.44
C ASN A 56 -0.30 -8.88 10.08
N TRP A 57 0.41 -9.24 9.02
CA TRP A 57 -0.05 -8.97 7.66
C TRP A 57 0.09 -10.23 6.79
N ALA A 58 -0.63 -10.24 5.67
CA ALA A 58 -0.50 -11.33 4.70
C ALA A 58 -0.78 -10.80 3.31
N VAL A 59 -0.06 -11.31 2.34
CA VAL A 59 -0.30 -11.02 0.93
C VAL A 59 -0.76 -12.31 0.25
N TYR A 60 -1.89 -12.25 -0.45
CA TYR A 60 -2.48 -13.45 -1.01
C TYR A 60 -2.22 -13.63 -2.51
N PHE A 61 -2.00 -12.52 -3.23
CA PHE A 61 -1.86 -12.55 -4.68
C PHE A 61 -0.97 -11.41 -5.13
N TYR A 62 -0.11 -11.69 -6.10
CA TYR A 62 0.76 -10.72 -6.74
C TYR A 62 0.73 -11.03 -8.21
N SER A 63 0.30 -10.08 -9.02
CA SER A 63 0.11 -10.36 -10.44
C SER A 63 1.42 -10.57 -11.20
N LEU A 64 2.55 -10.18 -10.59
CA LEU A 64 3.83 -10.22 -11.31
C LEU A 64 4.73 -11.34 -10.85
N GLY A 65 4.26 -12.14 -9.89
CA GLY A 65 5.06 -13.26 -9.43
C GLY A 65 4.40 -13.95 -8.26
N SER A 66 5.20 -14.65 -7.46
CA SER A 66 4.68 -15.31 -6.27
C SER A 66 4.34 -14.28 -5.20
N GLU A 67 3.34 -14.59 -4.39
CA GLU A 67 2.97 -13.70 -3.29
C GLU A 67 4.13 -13.58 -2.30
N LYS A 68 5.01 -14.58 -2.27
CA LYS A 68 6.17 -14.52 -1.39
C LYS A 68 7.13 -13.39 -1.76
N ASP A 69 7.03 -12.88 -2.99
CA ASP A 69 7.90 -11.79 -3.43
C ASP A 69 7.46 -10.44 -2.92
N VAL A 70 6.31 -10.37 -2.29
CA VAL A 70 5.83 -9.13 -1.73
C VAL A 70 6.07 -9.14 -0.23
N GLN A 71 6.91 -8.22 0.24
CA GLN A 71 7.25 -8.17 1.65
C GLN A 71 6.76 -6.89 2.27
N CYS A 72 6.15 -7.01 3.45
CA CYS A 72 5.62 -5.85 4.14
C CYS A 72 6.21 -5.71 5.54
N ARG A 73 6.15 -4.51 6.08
CA ARG A 73 6.62 -4.26 7.43
C ARG A 73 5.89 -3.06 7.98
N PHE A 74 5.53 -3.11 9.27
CA PHE A 74 4.89 -1.97 9.92
C PHE A 74 5.95 -1.03 10.49
N TYR A 75 5.67 0.28 10.39
CA TYR A 75 6.52 1.32 10.94
C TYR A 75 5.70 2.34 11.71
N GLU A 76 6.33 2.95 12.70
CA GLU A 76 5.73 4.07 13.39
C GLU A 76 5.95 5.35 12.58
N LEU A 77 4.97 6.24 12.59
CA LEU A 77 5.10 7.55 11.96
C LEU A 77 4.81 8.59 13.03
N PRO A 78 5.84 9.16 13.64
CA PRO A 78 5.64 10.01 14.81
C PRO A 78 5.46 11.47 14.46
N GLY A 79 4.80 12.21 15.34
CA GLY A 79 4.72 13.66 15.23
C GLY A 79 3.82 14.19 14.13
N LYS A 80 2.95 13.35 13.58
CA LYS A 80 2.06 13.75 12.50
C LYS A 80 0.60 13.68 12.95
N LYS A 81 -0.16 14.75 12.76
CA LYS A 81 -1.56 14.74 13.19
C LYS A 81 -2.47 13.83 12.38
N GLU A 82 -2.07 13.52 11.14
CA GLU A 82 -2.96 12.78 10.24
C GLU A 82 -2.83 11.25 10.26
N ALA A 83 -1.75 10.72 10.82
CA ALA A 83 -1.54 9.28 10.89
C ALA A 83 -0.40 8.99 11.86
N ASN A 84 -0.34 7.77 12.41
CA ASN A 84 0.78 7.42 13.28
C ASN A 84 1.42 6.06 13.00
N LYS A 85 0.99 5.42 11.93
CA LYS A 85 1.53 4.13 11.50
C LYS A 85 1.51 4.05 10.00
N TYR A 86 2.39 3.23 9.43
CA TYR A 86 2.19 2.76 8.07
C TYR A 86 2.65 1.34 7.87
N LEU A 87 1.98 0.67 6.94
CA LEU A 87 2.47 -0.59 6.42
C LEU A 87 3.22 -0.23 5.14
N GLU A 88 4.46 -0.66 5.05
CA GLU A 88 5.25 -0.45 3.84
C GLU A 88 5.36 -1.75 3.06
N ILE A 89 5.05 -1.68 1.78
CA ILE A 89 5.05 -2.83 0.88
C ILE A 89 6.24 -2.71 -0.06
N THR A 90 7.06 -3.75 -0.11
CA THR A 90 8.23 -3.80 -0.98
C THR A 90 8.20 -5.10 -1.78
N PHE A 91 9.10 -5.23 -2.73
CA PHE A 91 9.03 -6.31 -3.71
C PHE A 91 10.41 -6.94 -3.94
N LYS A 92 10.43 -8.25 -4.09
CA LYS A 92 11.68 -8.96 -4.30
C LYS A 92 11.92 -9.18 -5.78
N SER A 93 10.87 -8.99 -6.58
CA SER A 93 10.95 -9.22 -8.02
C SER A 93 9.76 -8.56 -8.69
N GLY A 94 9.83 -8.45 -10.02
CA GLY A 94 8.73 -7.93 -10.79
C GLY A 94 9.16 -6.80 -11.70
N THR A 95 8.51 -6.70 -12.86
CA THR A 95 8.78 -5.61 -13.78
C THR A 95 7.48 -5.08 -14.36
N LEU A 96 7.43 -3.77 -14.54
CA LEU A 96 6.26 -3.09 -15.05
C LEU A 96 6.69 -2.18 -16.19
N SER A 97 6.31 -2.53 -17.43
CA SER A 97 6.58 -1.69 -18.58
C SER A 97 5.59 -0.53 -18.64
N PRO A 98 5.89 0.52 -19.44
CA PRO A 98 4.97 1.66 -19.52
C PRO A 98 3.54 1.26 -19.84
N ASN A 99 2.59 1.85 -19.11
CA ASN A 99 1.14 1.61 -19.27
C ASN A 99 0.66 0.27 -18.75
N ASP A 100 1.56 -0.54 -18.22
CA ASP A 100 1.14 -1.81 -17.66
C ASP A 100 0.63 -1.61 -16.25
N VAL A 101 -0.12 -2.58 -15.75
CA VAL A 101 -0.72 -2.50 -14.43
C VAL A 101 -0.31 -3.72 -13.63
N MET A 102 -0.13 -3.56 -12.33
N MET A 102 -0.14 -3.56 -12.33
CA MET A 102 0.07 -4.70 -11.44
CA MET A 102 0.09 -4.69 -11.42
C MET A 102 -1.01 -4.69 -10.38
C MET A 102 -0.92 -4.66 -10.30
N TYR A 103 -1.19 -5.83 -9.73
CA TYR A 103 -2.12 -5.96 -8.61
C TYR A 103 -1.48 -6.72 -7.46
N ILE A 104 -1.81 -6.35 -6.23
CA ILE A 104 -1.64 -7.28 -5.11
C ILE A 104 -2.93 -7.35 -4.31
N THR A 105 -3.11 -8.45 -3.60
CA THR A 105 -4.16 -8.52 -2.59
C THR A 105 -3.49 -8.83 -1.25
N GLY A 106 -4.06 -8.27 -0.19
CA GLY A 106 -3.51 -8.50 1.13
C GLY A 106 -4.36 -7.86 2.20
N GLU A 107 -4.16 -8.33 3.42
CA GLU A 107 -4.89 -7.81 4.58
C GLU A 107 -4.00 -7.80 5.80
N PHE A 108 -4.30 -6.91 6.76
CA PHE A 108 -3.63 -6.99 8.04
C PHE A 108 -4.58 -6.93 9.20
N TYR A 109 -4.09 -7.38 10.36
CA TYR A 109 -4.92 -7.73 11.52
C TYR A 109 -4.19 -7.34 12.80
N LYS A 110 -4.97 -7.22 13.88
CA LYS A 110 -4.35 -7.13 15.20
C LYS A 110 -4.21 -8.52 15.79
N ASN A 111 -3.07 -8.78 16.42
CA ASN A 111 -2.78 -10.07 17.02
C ASN A 111 -3.84 -10.50 18.04
N ASP A 112 -4.48 -9.54 18.71
CA ASP A 112 -5.49 -9.89 19.71
C ASP A 112 -6.90 -10.03 19.16
N TRP A 113 -7.02 -9.92 17.83
CA TRP A 113 -8.29 -10.11 17.13
C TRP A 113 -9.32 -9.01 17.39
N THR A 114 -8.92 -7.92 18.04
CA THR A 114 -9.84 -6.80 18.21
C THR A 114 -10.00 -6.06 16.87
N LYS A 115 -11.06 -5.27 16.77
CA LYS A 115 -11.34 -4.59 15.52
C LYS A 115 -10.58 -3.27 15.34
N PHE A 116 -10.25 -2.94 14.11
CA PHE A 116 -9.74 -1.63 13.77
C PHE A 116 -10.90 -0.65 13.56
N GLU A 117 -10.69 0.61 13.94
CA GLU A 117 -11.53 1.72 13.51
C GLU A 117 -10.81 2.39 12.35
N GLN A 118 -11.42 2.36 11.17
CA GLN A 118 -10.77 2.84 9.97
C GLN A 118 -11.15 4.27 9.63
N ARG A 119 -12.14 4.83 10.32
CA ARG A 119 -12.56 6.20 10.00
C ARG A 119 -11.47 7.23 10.24
N ASP A 120 -10.50 6.88 11.07
CA ASP A 120 -9.39 7.80 11.36
C ASP A 120 -8.11 7.40 10.64
N ASP A 121 -8.21 6.50 9.66
CA ASP A 121 -7.05 6.01 8.93
C ASP A 121 -6.89 6.78 7.62
N TYR A 122 -5.77 7.47 7.50
CA TYR A 122 -5.49 8.32 6.37
C TYR A 122 -5.70 7.64 5.02
N SER A 123 -5.27 6.39 4.89
CA SER A 123 -5.31 5.73 3.58
C SER A 123 -6.62 5.01 3.23
N TYR A 124 -7.58 4.99 4.14
CA TYR A 124 -8.83 4.25 3.93
C TYR A 124 -9.74 4.90 2.89
N ASN A 125 -10.13 4.13 1.87
CA ASN A 125 -11.04 4.57 0.82
C ASN A 125 -12.22 3.60 0.73
N PRO A 126 -13.27 3.84 1.51
CA PRO A 126 -14.42 2.92 1.46
C PRO A 126 -15.20 3.17 0.17
N ALA A 127 -15.15 2.21 -0.76
CA ALA A 127 -15.74 2.37 -2.09
C ALA A 127 -15.83 1.01 -2.74
N ASP A 128 -16.43 0.93 -3.92
CA ASP A 128 -16.56 -0.37 -4.59
C ASP A 128 -16.04 -0.35 -6.03
N SER A 129 -15.28 0.68 -6.36
CA SER A 129 -14.63 0.75 -7.68
C SER A 129 -13.35 1.56 -7.61
N TYR A 130 -12.53 1.40 -8.64
CA TYR A 130 -11.23 2.06 -8.66
C TYR A 130 -11.31 3.54 -8.95
N SER A 131 -10.39 4.28 -8.33
CA SER A 131 -10.11 5.65 -8.70
C SER A 131 -8.69 5.94 -8.25
N ASP A 132 -8.08 6.98 -8.81
CA ASP A 132 -6.75 7.41 -8.39
C ASP A 132 -6.82 7.69 -6.89
N TRP A 133 -5.88 7.14 -6.13
CA TRP A 133 -5.94 7.28 -4.67
C TRP A 133 -4.65 7.91 -4.19
N LYS A 134 -4.72 9.19 -3.86
CA LYS A 134 -3.54 9.97 -3.50
C LYS A 134 -3.09 9.78 -2.06
N ARG A 135 -3.86 9.02 -1.28
CA ARG A 135 -3.53 8.84 0.12
C ARG A 135 -2.77 7.55 0.42
N MET A 136 -2.38 6.82 -0.64
CA MET A 136 -1.32 5.84 -0.52
C MET A 136 -0.18 6.39 -1.36
N THR A 137 1.05 6.21 -0.89
CA THR A 137 2.20 6.78 -1.60
C THR A 137 3.05 5.70 -2.26
N ALA A 138 3.73 6.08 -3.35
CA ALA A 138 4.67 5.18 -4.01
C ALA A 138 5.98 5.91 -4.25
N TYR A 139 7.06 5.15 -4.13
CA TYR A 139 8.43 5.66 -4.20
C TYR A 139 9.23 4.79 -5.16
N ILE A 140 10.14 5.42 -5.89
CA ILE A 140 11.11 4.72 -6.71
C ILE A 140 12.49 5.13 -6.22
N SER A 141 13.27 4.15 -5.77
CA SER A 141 14.59 4.41 -5.20
C SER A 141 14.49 5.44 -4.08
N ASN A 142 13.44 5.30 -3.27
CA ASN A 142 13.19 6.15 -2.11
C ASN A 142 12.73 7.57 -2.43
N LYS A 143 12.53 7.87 -3.70
CA LYS A 143 12.01 9.18 -4.10
C LYS A 143 10.51 9.13 -4.31
N LEU A 144 9.77 10.08 -3.74
CA LEU A 144 8.31 10.05 -3.82
C LEU A 144 7.85 10.36 -5.25
N VAL A 145 7.04 9.47 -5.81
CA VAL A 145 6.56 9.68 -7.18
C VAL A 145 5.04 9.74 -7.26
N TRP A 146 4.34 9.24 -6.25
CA TRP A 146 2.88 9.26 -6.26
C TRP A 146 2.33 9.48 -4.89
N GLY A 147 1.31 10.33 -4.79
CA GLY A 147 0.57 10.50 -3.57
C GLY A 147 1.07 11.59 -2.64
N ILE A 148 0.39 11.71 -1.50
CA ILE A 148 0.68 12.76 -0.54
C ILE A 148 0.86 12.13 0.82
N GLU A 149 2.03 12.31 1.43
CA GLU A 149 2.26 11.79 2.76
C GLU A 149 1.41 12.53 3.79
N PRO A 150 1.06 11.86 4.90
CA PRO A 150 0.34 12.54 5.98
C PRO A 150 1.12 13.77 6.41
#